data_1GL2
#
_entry.id   1GL2
#
_cell.length_a   50.700
_cell.length_b   41.100
_cell.length_c   51.500
_cell.angle_alpha   90.00
_cell.angle_beta   109.40
_cell.angle_gamma   90.00
#
_symmetry.space_group_name_H-M   'P 1 21 1'
#
loop_
_entity.id
_entity.type
_entity.pdbx_description
1 polymer ENDOBREVIN
2 polymer 'SYNTAXIN 7'
3 polymer 'VESICLE TRANSPORT V-SNARE PROTEIN VTI1-LIKE 1'
4 polymer 'SYNTAXIN 8'
5 water water
#
loop_
_entity_poly.entity_id
_entity_poly.type
_entity_poly.pdbx_seq_one_letter_code
_entity_poly.pdbx_strand_id
1 'polypeptide(L)' GSHMSAGNDRVRNLQSEVEGVKNIMTQNVERILARGENLDHLRNKTEDLEATSEHFKTTSQKVAR A
2 'polypeptide(L)' GSHMHERESSIRQLEADIMDINEIFKDLGMMIHEQGDVIDSIEANVESAEVHVQQANQQLSRAAN B
3 'polypeptide(L)' GSHMNRATQSIERSHRIATETDQIGTEIIEELGEQRDQLERTKSRLVNTNENLSKSRKILRSMSR C
4 'polypeptide(L)' GSHMQEQDAGLDALSSIISRQKQMGQEIGNELDEQNEIIDDLANLVENTDEKLRTEARRVTLVDR D
#
# COMPACT_ATOMS: atom_id res chain seq x y z
N ARG A 10 -21.88 -2.62 29.65
CA ARG A 10 -20.76 -2.84 30.61
C ARG A 10 -19.54 -2.01 30.23
N VAL A 11 -18.98 -1.33 31.22
CA VAL A 11 -17.81 -0.49 31.03
C VAL A 11 -16.56 -1.36 30.94
N ARG A 12 -16.58 -2.50 31.64
CA ARG A 12 -15.45 -3.42 31.63
C ARG A 12 -15.27 -4.02 30.24
N ASN A 13 -16.39 -4.40 29.62
CA ASN A 13 -16.34 -4.99 28.28
C ASN A 13 -15.78 -3.96 27.29
N LEU A 14 -16.40 -2.78 27.28
CA LEU A 14 -15.99 -1.71 26.40
C LEU A 14 -14.49 -1.43 26.55
N GLN A 15 -14.00 -1.45 27.79
CA GLN A 15 -12.58 -1.21 28.07
C GLN A 15 -11.70 -2.26 27.39
N SER A 16 -12.12 -3.52 27.47
CA SER A 16 -11.37 -4.61 26.87
C SER A 16 -11.33 -4.50 25.34
N GLU A 17 -12.48 -4.18 24.74
CA GLU A 17 -12.57 -4.04 23.29
C GLU A 17 -11.72 -2.86 22.81
N VAL A 18 -11.71 -1.78 23.58
CA VAL A 18 -10.92 -0.62 23.21
C VAL A 18 -9.43 -0.94 23.26
N GLU A 19 -9.01 -1.74 24.25
CA GLU A 19 -7.61 -2.12 24.35
C GLU A 19 -7.26 -2.99 23.15
N GLY A 20 -8.20 -3.84 22.75
CA GLY A 20 -7.98 -4.71 21.61
C GLY A 20 -7.88 -3.90 20.32
N VAL A 21 -8.68 -2.85 20.20
CA VAL A 21 -8.62 -2.00 19.01
C VAL A 21 -7.28 -1.26 19.00
N LYS A 22 -6.86 -0.75 20.14
CA LYS A 22 -5.59 -0.04 20.20
C LYS A 22 -4.45 -0.97 19.78
N ASN A 23 -4.53 -2.23 20.22
CA ASN A 23 -3.50 -3.20 19.89
C ASN A 23 -3.45 -3.52 18.39
N ILE A 24 -4.63 -3.75 17.80
CA ILE A 24 -4.75 -4.06 16.37
C ILE A 24 -4.27 -2.89 15.51
N MET A 25 -4.76 -1.69 15.82
CA MET A 25 -4.39 -0.51 15.05
C MET A 25 -2.92 -0.13 15.21
N THR A 26 -2.33 -0.35 16.39
CA THR A 26 -0.92 -0.03 16.56
C THR A 26 -0.13 -0.96 15.66
N GLN A 27 -0.57 -2.22 15.55
CA GLN A 27 0.09 -3.19 14.69
C GLN A 27 -0.08 -2.79 13.23
N ASN A 28 -1.21 -2.16 12.91
CA ASN A 28 -1.47 -1.72 11.55
C ASN A 28 -0.53 -0.56 11.21
N VAL A 29 -0.26 0.32 12.18
CA VAL A 29 0.66 1.41 11.91
C VAL A 29 2.05 0.79 11.66
N GLU A 30 2.38 -0.29 12.37
CA GLU A 30 3.66 -0.96 12.16
C GLU A 30 3.69 -1.58 10.77
N ARG A 31 2.55 -2.10 10.33
CA ARG A 31 2.47 -2.69 9.00
C ARG A 31 2.68 -1.60 7.95
N ILE A 32 2.17 -0.40 8.22
CA ILE A 32 2.30 0.70 7.27
C ILE A 32 3.71 1.29 7.29
N LEU A 33 4.36 1.27 8.45
CA LEU A 33 5.73 1.76 8.53
C LEU A 33 6.58 0.77 7.72
N ALA A 34 6.22 -0.51 7.81
CA ALA A 34 6.94 -1.53 7.07
C ALA A 34 6.64 -1.41 5.57
N ARG A 35 5.40 -1.10 5.22
CA ARG A 35 5.05 -0.96 3.81
C ARG A 35 5.81 0.22 3.22
N GLY A 36 6.04 1.24 4.02
CA GLY A 36 6.76 2.41 3.55
C GLY A 36 8.18 2.02 3.16
N GLU A 37 8.81 1.18 3.99
CA GLU A 37 10.16 0.74 3.71
C GLU A 37 10.16 -0.11 2.43
N ASN A 38 9.22 -1.06 2.37
CA ASN A 38 9.13 -1.95 1.21
C ASN A 38 8.81 -1.18 -0.07
N LEU A 39 8.01 -0.12 0.02
CA LEU A 39 7.67 0.68 -1.16
C LEU A 39 8.88 1.48 -1.65
N ASP A 40 9.67 2.02 -0.72
CA ASP A 40 10.86 2.78 -1.09
C ASP A 40 11.85 1.83 -1.77
N HIS A 41 11.99 0.63 -1.21
CA HIS A 41 12.90 -0.36 -1.77
C HIS A 41 12.45 -0.69 -3.19
N LEU A 42 11.15 -0.98 -3.36
CA LEU A 42 10.60 -1.29 -4.67
C LEU A 42 10.77 -0.11 -5.62
N ARG A 43 10.53 1.12 -5.15
CA ARG A 43 10.68 2.28 -6.03
C ARG A 43 12.10 2.39 -6.57
N ASN A 44 13.09 2.11 -5.72
CA ASN A 44 14.48 2.18 -6.15
C ASN A 44 14.73 1.16 -7.25
N LYS A 45 14.15 -0.03 -7.09
CA LYS A 45 14.32 -1.09 -8.07
C LYS A 45 13.69 -0.69 -9.40
N THR A 46 12.56 0.00 -9.35
CA THR A 46 11.90 0.43 -10.57
C THR A 46 12.66 1.56 -11.26
N GLU A 47 13.44 2.32 -10.48
CA GLU A 47 14.21 3.40 -11.07
C GLU A 47 15.39 2.76 -11.81
N ASP A 48 15.96 1.72 -11.21
CA ASP A 48 17.05 0.99 -11.84
C ASP A 48 16.52 0.34 -13.13
N LEU A 49 15.30 -0.18 -13.06
CA LEU A 49 14.67 -0.84 -14.19
C LEU A 49 14.42 0.13 -15.34
N GLU A 50 13.92 1.31 -15.00
CA GLU A 50 13.63 2.32 -16.01
C GLU A 50 14.92 2.79 -16.66
N ALA A 51 15.99 2.90 -15.87
CA ALA A 51 17.29 3.34 -16.37
C ALA A 51 17.83 2.34 -17.39
N THR A 52 17.78 1.06 -17.05
CA THR A 52 18.26 0.01 -17.94
C THR A 52 17.46 -0.01 -19.23
N SER A 53 16.15 0.26 -19.13
CA SER A 53 15.30 0.26 -20.31
C SER A 53 15.69 1.40 -21.25
N GLU A 54 16.14 2.51 -20.69
CA GLU A 54 16.56 3.64 -21.50
C GLU A 54 17.80 3.25 -22.29
N HIS A 55 18.73 2.57 -21.62
CA HIS A 55 19.96 2.12 -22.26
C HIS A 55 19.59 1.16 -23.38
N PHE A 56 18.71 0.21 -23.07
CA PHE A 56 18.27 -0.77 -24.06
C PHE A 56 17.71 -0.05 -25.29
N LYS A 57 16.85 0.93 -25.06
CA LYS A 57 16.25 1.69 -26.15
C LYS A 57 17.32 2.41 -26.98
N THR A 58 18.24 3.07 -26.29
CA THR A 58 19.32 3.80 -26.94
C THR A 58 20.21 2.89 -27.79
N THR A 59 20.61 1.78 -27.22
CA THR A 59 21.46 0.81 -27.91
C THR A 59 20.77 0.24 -29.14
N SER A 60 19.45 0.05 -29.05
CA SER A 60 18.68 -0.48 -30.16
C SER A 60 18.60 0.52 -31.30
N GLN A 61 18.48 1.80 -30.96
CA GLN A 61 18.39 2.85 -31.97
C GLN A 61 19.67 2.91 -32.80
N LYS A 62 20.78 2.50 -32.20
CA LYS A 62 22.07 2.52 -32.87
C LYS A 62 22.24 1.46 -33.95
N VAL A 63 21.99 0.21 -33.60
CA VAL A 63 22.14 -0.89 -34.56
C VAL A 63 21.39 -0.62 -35.88
N HIS B 5 -17.23 7.16 42.15
CA HIS B 5 -16.68 7.75 40.90
C HIS B 5 -15.77 6.79 40.13
N GLU B 6 -15.70 5.52 40.54
CA GLU B 6 -14.85 4.58 39.83
C GLU B 6 -15.42 4.25 38.45
N ARG B 7 -16.74 4.15 38.36
CA ARG B 7 -17.34 3.87 37.06
C ARG B 7 -17.19 5.13 36.21
N GLU B 8 -17.42 6.28 36.82
CA GLU B 8 -17.26 7.55 36.12
C GLU B 8 -15.82 7.63 35.63
N SER B 9 -14.88 7.32 36.51
CA SER B 9 -13.46 7.36 36.16
C SER B 9 -13.14 6.45 34.99
N SER B 10 -13.62 5.21 35.06
CA SER B 10 -13.38 4.24 34.00
C SER B 10 -13.95 4.76 32.69
N ILE B 11 -15.11 5.40 32.77
CA ILE B 11 -15.77 5.96 31.59
C ILE B 11 -14.96 7.11 31.00
N ARG B 12 -14.48 8.00 31.85
CA ARG B 12 -13.69 9.15 31.42
C ARG B 12 -12.35 8.71 30.82
N GLN B 13 -11.78 7.65 31.36
CA GLN B 13 -10.50 7.13 30.85
C GLN B 13 -10.73 6.46 29.50
N LEU B 14 -11.90 5.86 29.36
CA LEU B 14 -12.28 5.20 28.13
C LEU B 14 -12.25 6.24 27.01
N GLU B 15 -12.72 7.45 27.32
CA GLU B 15 -12.76 8.53 26.33
C GLU B 15 -11.37 8.89 25.85
N ALA B 16 -10.42 8.98 26.78
CA ALA B 16 -9.05 9.32 26.43
C ALA B 16 -8.48 8.26 25.50
N ASP B 17 -8.81 6.99 25.77
CA ASP B 17 -8.33 5.87 24.98
C ASP B 17 -8.98 5.87 23.60
N ILE B 18 -10.23 6.31 23.51
CA ILE B 18 -10.93 6.38 22.24
C ILE B 18 -10.34 7.53 21.40
N MET B 19 -9.89 8.59 22.07
CA MET B 19 -9.27 9.70 21.36
C MET B 19 -7.92 9.23 20.81
N ASP B 20 -7.20 8.45 21.61
CA ASP B 20 -5.91 7.91 21.21
C ASP B 20 -6.07 7.05 19.96
N ILE B 21 -7.14 6.26 19.91
CA ILE B 21 -7.40 5.40 18.77
C ILE B 21 -7.70 6.25 17.56
N ASN B 22 -8.47 7.33 17.76
CA ASN B 22 -8.80 8.23 16.66
C ASN B 22 -7.51 8.79 16.05
N GLU B 23 -6.54 9.13 16.89
CA GLU B 23 -5.26 9.64 16.40
C GLU B 23 -4.45 8.57 15.68
N ILE B 24 -4.62 7.31 16.07
CA ILE B 24 -3.89 6.22 15.40
C ILE B 24 -4.43 6.07 13.98
N PHE B 25 -5.75 6.13 13.85
CA PHE B 25 -6.38 6.02 12.53
C PHE B 25 -5.89 7.15 11.66
N LYS B 26 -5.85 8.37 12.22
CA LYS B 26 -5.40 9.53 11.46
C LYS B 26 -3.95 9.39 11.04
N ASP B 27 -3.13 8.85 11.94
CA ASP B 27 -1.72 8.63 11.66
C ASP B 27 -1.58 7.61 10.52
N LEU B 28 -2.28 6.49 10.66
CA LEU B 28 -2.26 5.44 9.64
C LEU B 28 -2.78 6.03 8.33
N GLY B 29 -3.88 6.76 8.41
CA GLY B 29 -4.46 7.36 7.22
C GLY B 29 -3.53 8.32 6.51
N MET B 30 -2.83 9.15 7.28
CA MET B 30 -1.89 10.12 6.71
C MET B 30 -0.78 9.43 5.95
N MET B 31 -0.19 8.40 6.54
CA MET B 31 0.91 7.71 5.89
C MET B 31 0.48 6.92 4.66
N ILE B 32 -0.72 6.35 4.69
CA ILE B 32 -1.22 5.59 3.56
C ILE B 32 -1.37 6.55 2.37
N HIS B 33 -1.92 7.73 2.64
CA HIS B 33 -2.14 8.74 1.61
C HIS B 33 -0.83 9.24 1.01
N GLU B 34 0.15 9.54 1.86
CA GLU B 34 1.45 10.02 1.38
C GLU B 34 2.20 8.95 0.60
N GLN B 35 2.08 7.70 1.04
CA GLN B 35 2.75 6.61 0.36
C GLN B 35 2.15 6.42 -1.02
N GLY B 36 0.99 7.03 -1.25
CA GLY B 36 0.36 6.96 -2.56
C GLY B 36 1.27 7.56 -3.62
N ASP B 37 2.05 8.56 -3.24
CA ASP B 37 2.98 9.21 -4.17
C ASP B 37 4.06 8.23 -4.59
N VAL B 38 4.54 7.43 -3.65
CA VAL B 38 5.59 6.45 -3.92
C VAL B 38 5.05 5.42 -4.91
N ILE B 39 3.81 4.96 -4.68
CA ILE B 39 3.20 3.99 -5.57
C ILE B 39 3.00 4.59 -6.96
N ASP B 40 2.64 5.87 -7.02
CA ASP B 40 2.47 6.58 -8.29
C ASP B 40 3.78 6.53 -9.08
N SER B 41 4.90 6.74 -8.39
CA SER B 41 6.21 6.74 -9.00
C SER B 41 6.60 5.34 -9.47
N ILE B 42 6.25 4.33 -8.68
CA ILE B 42 6.55 2.94 -9.00
C ILE B 42 5.82 2.56 -10.29
N GLU B 43 4.55 2.92 -10.35
CA GLU B 43 3.74 2.63 -11.51
C GLU B 43 4.29 3.34 -12.75
N ALA B 44 4.69 4.61 -12.58
CA ALA B 44 5.23 5.41 -13.67
C ALA B 44 6.55 4.86 -14.22
N ASN B 45 7.44 4.42 -13.34
CA ASN B 45 8.72 3.87 -13.78
C ASN B 45 8.50 2.59 -14.56
N VAL B 46 7.52 1.80 -14.14
CA VAL B 46 7.23 0.55 -14.82
C VAL B 46 6.59 0.80 -16.19
N GLU B 47 5.65 1.76 -16.26
CA GLU B 47 4.99 2.06 -17.51
C GLU B 47 6.00 2.60 -18.51
N SER B 48 6.94 3.40 -18.01
CA SER B 48 7.99 3.98 -18.82
C SER B 48 8.93 2.88 -19.32
N ALA B 49 9.28 1.95 -18.45
CA ALA B 49 10.14 0.85 -18.84
C ALA B 49 9.45 0.03 -19.92
N GLU B 50 8.13 -0.13 -19.78
CA GLU B 50 7.33 -0.88 -20.74
C GLU B 50 7.35 -0.27 -22.15
N VAL B 51 7.17 1.05 -22.23
CA VAL B 51 7.18 1.70 -23.53
C VAL B 51 8.56 1.65 -24.18
N HIS B 52 9.60 1.80 -23.37
CA HIS B 52 10.98 1.76 -23.87
C HIS B 52 11.31 0.42 -24.50
N VAL B 53 10.85 -0.66 -23.88
CA VAL B 53 11.09 -2.00 -24.39
C VAL B 53 10.34 -2.13 -25.72
N GLN B 54 9.13 -1.58 -25.76
CA GLN B 54 8.32 -1.62 -26.98
C GLN B 54 8.98 -0.79 -28.08
N GLN B 55 9.49 0.37 -27.73
CA GLN B 55 10.16 1.23 -28.70
C GLN B 55 11.45 0.56 -29.17
N ALA B 56 12.16 -0.07 -28.24
CA ALA B 56 13.41 -0.77 -28.55
C ALA B 56 13.16 -1.90 -29.54
N ASN B 57 12.08 -2.66 -29.34
CA ASN B 57 11.79 -3.75 -30.26
C ASN B 57 11.42 -3.22 -31.64
N GLN B 58 10.75 -2.07 -31.69
CA GLN B 58 10.39 -1.47 -32.97
C GLN B 58 11.68 -1.26 -33.74
N GLN B 59 12.66 -0.69 -33.05
CA GLN B 59 13.98 -0.43 -33.64
C GLN B 59 14.66 -1.71 -34.10
N LEU B 60 14.80 -2.68 -33.20
CA LEU B 60 15.46 -3.96 -33.54
C LEU B 60 14.75 -4.62 -34.72
N SER B 61 13.43 -4.61 -34.70
CA SER B 61 12.63 -5.20 -35.76
C SER B 61 12.90 -4.51 -37.11
N ARG B 62 13.25 -3.23 -37.06
CA ARG B 62 13.55 -2.48 -38.28
C ARG B 62 14.96 -2.81 -38.77
N ALA B 63 15.86 -3.05 -37.82
CA ALA B 63 17.25 -3.38 -38.14
C ALA B 63 17.36 -4.80 -38.70
N ALA B 64 16.35 -5.61 -38.41
CA ALA B 64 16.32 -7.00 -38.87
C ALA B 64 15.99 -7.06 -40.36
N MET C 4 -27.82 14.96 34.02
CA MET C 4 -26.53 14.66 33.34
C MET C 4 -25.34 14.84 34.26
N ASN C 5 -24.27 14.10 33.97
CA ASN C 5 -23.06 14.17 34.77
C ASN C 5 -21.82 13.94 33.92
N ARG C 6 -20.66 13.92 34.56
CA ARG C 6 -19.40 13.73 33.86
C ARG C 6 -19.40 12.46 32.99
N ALA C 7 -20.06 11.40 33.47
CA ALA C 7 -20.11 10.14 32.74
C ALA C 7 -20.95 10.22 31.46
N THR C 8 -22.18 10.74 31.59
CA THR C 8 -23.06 10.84 30.44
C THR C 8 -22.45 11.70 29.34
N GLN C 9 -21.88 12.84 29.72
CA GLN C 9 -21.27 13.74 28.75
C GLN C 9 -20.02 13.14 28.11
N SER C 10 -19.25 12.39 28.90
CA SER C 10 -18.06 11.75 28.36
C SER C 10 -18.47 10.68 27.33
N ILE C 11 -19.51 9.90 27.66
CA ILE C 11 -19.99 8.87 26.74
C ILE C 11 -20.43 9.47 25.41
N GLU C 12 -21.07 10.63 25.48
CA GLU C 12 -21.54 11.33 24.29
C GLU C 12 -20.38 11.78 23.42
N ARG C 13 -19.34 12.32 24.04
CA ARG C 13 -18.18 12.78 23.29
C ARG C 13 -17.48 11.58 22.64
N SER C 14 -17.36 10.48 23.37
CA SER C 14 -16.75 9.27 22.83
C SER C 14 -17.52 8.77 21.61
N HIS C 15 -18.84 8.88 21.69
CA HIS C 15 -19.72 8.46 20.61
C HIS C 15 -19.36 9.25 19.36
N ARG C 16 -19.28 10.57 19.53
CA ARG C 16 -18.96 11.50 18.47
C ARG C 16 -17.57 11.23 17.86
N ILE C 17 -16.59 11.00 18.72
CA ILE C 17 -15.23 10.74 18.27
C ILE C 17 -15.11 9.38 17.60
N ALA C 18 -15.72 8.37 18.20
CA ALA C 18 -15.68 7.02 17.66
C ALA C 18 -16.31 6.91 16.27
N THR C 19 -17.34 7.72 16.03
CA THR C 19 -18.04 7.74 14.74
C THR C 19 -17.09 8.30 13.68
N GLU C 20 -16.40 9.38 14.01
CA GLU C 20 -15.45 10.00 13.09
C GLU C 20 -14.34 9.01 12.76
N THR C 21 -13.89 8.26 13.77
CA THR C 21 -12.85 7.26 13.57
C THR C 21 -13.30 6.19 12.57
N ASP C 22 -14.54 5.73 12.72
CA ASP C 22 -15.08 4.71 11.80
C ASP C 22 -15.11 5.24 10.38
N GLN C 23 -15.43 6.52 10.24
CA GLN C 23 -15.47 7.17 8.93
C GLN C 23 -14.06 7.26 8.35
N ILE C 24 -13.09 7.51 9.21
CA ILE C 24 -11.71 7.56 8.74
C ILE C 24 -11.37 6.13 8.31
N GLY C 25 -11.89 5.16 9.05
CA GLY C 25 -11.66 3.77 8.73
C GLY C 25 -12.14 3.39 7.33
N THR C 26 -13.35 3.80 6.96
CA THR C 26 -13.84 3.43 5.63
C THR C 26 -13.08 4.18 4.53
N GLU C 27 -12.57 5.35 4.88
CA GLU C 27 -11.80 6.13 3.93
C GLU C 27 -10.47 5.41 3.68
N ILE C 28 -9.88 4.88 4.75
CA ILE C 28 -8.62 4.14 4.65
C ILE C 28 -8.78 2.89 3.83
N ILE C 29 -9.85 2.15 4.10
CA ILE C 29 -10.10 0.90 3.38
C ILE C 29 -10.28 1.18 1.89
N GLU C 30 -11.00 2.24 1.55
CA GLU C 30 -11.24 2.59 0.16
C GLU C 30 -9.93 2.97 -0.54
N GLU C 31 -9.11 3.75 0.16
CA GLU C 31 -7.85 4.19 -0.43
C GLU C 31 -6.89 3.02 -0.62
N LEU C 32 -6.86 2.07 0.31
CA LEU C 32 -5.99 0.92 0.16
C LEU C 32 -6.46 0.07 -1.03
N GLY C 33 -7.76 0.12 -1.30
CA GLY C 33 -8.28 -0.63 -2.43
C GLY C 33 -7.75 -0.07 -3.73
N GLU C 34 -7.72 1.26 -3.84
CA GLU C 34 -7.21 1.91 -5.05
C GLU C 34 -5.72 1.61 -5.21
N GLN C 35 -4.99 1.63 -4.11
CA GLN C 35 -3.57 1.37 -4.14
C GLN C 35 -3.25 -0.07 -4.50
N ARG C 36 -4.05 -1.01 -4.01
CA ARG C 36 -3.86 -2.41 -4.33
C ARG C 36 -4.00 -2.59 -5.85
N ASP C 37 -5.07 -2.03 -6.42
CA ASP C 37 -5.32 -2.13 -7.86
C ASP C 37 -4.19 -1.51 -8.67
N GLN C 38 -3.65 -0.41 -8.17
CA GLN C 38 -2.56 0.28 -8.82
C GLN C 38 -1.33 -0.65 -8.86
N LEU C 39 -1.07 -1.34 -7.76
CA LEU C 39 0.05 -2.28 -7.68
C LEU C 39 -0.19 -3.48 -8.59
N GLU C 40 -1.44 -3.90 -8.73
CA GLU C 40 -1.75 -5.04 -9.59
C GLU C 40 -1.59 -4.64 -11.06
N ARG C 41 -2.01 -3.42 -11.40
CA ARG C 41 -1.86 -2.97 -12.78
C ARG C 41 -0.37 -2.89 -13.10
N THR C 42 0.41 -2.45 -12.11
CA THR C 42 1.86 -2.34 -12.28
C THR C 42 2.44 -3.73 -12.58
N LYS C 43 2.02 -4.72 -11.81
CA LYS C 43 2.50 -6.09 -12.00
C LYS C 43 2.17 -6.58 -13.42
N SER C 44 0.93 -6.35 -13.85
CA SER C 44 0.49 -6.76 -15.17
C SER C 44 1.41 -6.18 -16.25
N ARG C 45 1.71 -4.89 -16.15
CA ARG C 45 2.59 -4.22 -17.11
C ARG C 45 4.01 -4.76 -17.07
N LEU C 46 4.47 -5.08 -15.87
CA LEU C 46 5.82 -5.60 -15.69
C LEU C 46 5.99 -6.99 -16.32
N VAL C 47 5.07 -7.91 -16.06
CA VAL C 47 5.18 -9.26 -16.62
C VAL C 47 4.99 -9.22 -18.14
N ASN C 48 4.16 -8.29 -18.58
CA ASN C 48 3.89 -8.12 -20.00
C ASN C 48 5.20 -7.72 -20.68
N THR C 49 5.93 -6.80 -20.04
CA THR C 49 7.21 -6.32 -20.55
C THR C 49 8.23 -7.44 -20.56
N ASN C 50 8.18 -8.26 -19.52
CA ASN C 50 9.09 -9.38 -19.40
C ASN C 50 8.91 -10.29 -20.61
N GLU C 51 7.66 -10.51 -21.04
CA GLU C 51 7.40 -11.36 -22.18
C GLU C 51 7.84 -10.68 -23.46
N ASN C 52 7.78 -9.34 -23.48
CA ASN C 52 8.20 -8.58 -24.65
C ASN C 52 9.71 -8.71 -24.85
N LEU C 53 10.41 -8.98 -23.76
CA LEU C 53 11.86 -9.14 -23.83
C LEU C 53 12.21 -10.47 -24.48
N SER C 54 11.25 -11.40 -24.48
CA SER C 54 11.47 -12.70 -25.13
C SER C 54 11.42 -12.48 -26.63
N LYS C 55 10.61 -11.53 -27.06
CA LYS C 55 10.53 -11.21 -28.49
C LYS C 55 11.82 -10.49 -28.89
N SER C 56 12.38 -9.71 -27.96
CA SER C 56 13.64 -9.00 -28.22
C SER C 56 14.68 -10.07 -28.58
N ARG C 57 14.75 -11.09 -27.73
CA ARG C 57 15.69 -12.20 -27.89
C ARG C 57 15.49 -12.88 -29.25
N LYS C 58 14.24 -13.09 -29.62
CA LYS C 58 13.92 -13.72 -30.90
C LYS C 58 14.42 -12.88 -32.07
N ILE C 59 14.16 -11.58 -32.03
CA ILE C 59 14.60 -10.69 -33.09
C ILE C 59 16.13 -10.65 -33.17
N LEU C 60 16.78 -10.60 -32.02
CA LEU C 60 18.24 -10.56 -31.99
C LEU C 60 18.83 -11.87 -32.50
N ARG C 61 18.13 -12.98 -32.27
CA ARG C 61 18.61 -14.27 -32.75
C ARG C 61 18.63 -14.29 -34.27
N SER C 62 17.63 -13.68 -34.90
CA SER C 62 17.55 -13.63 -36.36
C SER C 62 18.57 -12.68 -36.99
N MET C 63 19.22 -11.85 -36.17
CA MET C 63 20.22 -10.91 -36.68
C MET C 63 21.27 -11.69 -37.47
N ASP D 8 -25.52 3.51 30.04
CA ASP D 8 -26.64 2.54 29.87
C ASP D 8 -26.93 2.35 28.38
N ALA D 9 -27.81 3.21 27.85
CA ALA D 9 -28.17 3.15 26.43
C ALA D 9 -27.04 3.77 25.61
N GLY D 10 -26.44 4.82 26.16
CA GLY D 10 -25.34 5.50 25.48
C GLY D 10 -24.18 4.56 25.28
N LEU D 11 -24.00 3.63 26.21
CA LEU D 11 -22.92 2.65 26.12
C LEU D 11 -23.20 1.64 25.02
N ASP D 12 -24.48 1.37 24.79
CA ASP D 12 -24.87 0.41 23.76
C ASP D 12 -24.54 0.94 22.37
N ALA D 13 -24.88 2.20 22.13
CA ALA D 13 -24.60 2.82 20.84
C ALA D 13 -23.10 2.94 20.66
N LEU D 14 -22.40 3.26 21.74
CA LEU D 14 -20.94 3.39 21.70
C LEU D 14 -20.29 2.02 21.46
N SER D 15 -20.80 1.01 22.15
CA SER D 15 -20.27 -0.33 22.01
C SER D 15 -20.40 -0.84 20.57
N SER D 16 -21.52 -0.53 19.93
CA SER D 16 -21.73 -0.93 18.55
C SER D 16 -20.71 -0.25 17.65
N ILE D 17 -20.50 1.04 17.88
CA ILE D 17 -19.54 1.81 17.09
C ILE D 17 -18.14 1.24 17.21
N ILE D 18 -17.69 1.00 18.44
CA ILE D 18 -16.37 0.44 18.65
C ILE D 18 -16.28 -0.96 18.02
N SER D 19 -17.40 -1.66 17.98
CA SER D 19 -17.43 -3.00 17.42
C SER D 19 -17.04 -2.96 15.93
N ARG D 20 -17.56 -1.97 15.21
CA ARG D 20 -17.23 -1.82 13.78
C ARG D 20 -15.74 -1.58 13.63
N GLN D 21 -15.20 -0.73 14.51
CA GLN D 21 -13.79 -0.37 14.51
C GLN D 21 -12.88 -1.57 14.54
N LYS D 22 -13.19 -2.53 15.38
CA LYS D 22 -12.38 -3.74 15.52
C LYS D 22 -12.32 -4.54 14.23
N GLN D 23 -13.48 -4.72 13.60
CA GLN D 23 -13.55 -5.49 12.36
C GLN D 23 -12.77 -4.74 11.27
N MET D 24 -12.94 -3.43 11.22
CA MET D 24 -12.21 -2.61 10.25
C MET D 24 -10.72 -2.81 10.50
N GLY D 25 -10.33 -2.73 11.78
CA GLY D 25 -8.94 -2.90 12.12
C GLY D 25 -8.40 -4.21 11.58
N GLN D 26 -9.20 -5.27 11.71
CA GLN D 26 -8.79 -6.58 11.22
C GLN D 26 -8.72 -6.65 9.70
N GLU D 27 -9.68 -6.02 9.02
CA GLU D 27 -9.70 -6.01 7.56
C GLU D 27 -8.47 -5.29 7.02
N ILE D 28 -8.14 -4.15 7.64
CA ILE D 28 -6.99 -3.34 7.27
C ILE D 28 -5.70 -4.16 7.43
N GLY D 29 -5.58 -4.85 8.56
CA GLY D 29 -4.41 -5.67 8.81
C GLY D 29 -4.22 -6.71 7.73
N ASN D 30 -5.30 -7.39 7.38
CA ASN D 30 -5.26 -8.43 6.34
C ASN D 30 -4.89 -7.81 5.00
N GLU D 31 -5.42 -6.63 4.72
CA GLU D 31 -5.15 -5.94 3.47
C GLU D 31 -3.68 -5.52 3.41
N LEU D 32 -3.19 -4.89 4.48
CA LEU D 32 -1.79 -4.46 4.52
C LEU D 32 -0.84 -5.64 4.40
N ASP D 33 -1.15 -6.74 5.06
CA ASP D 33 -0.29 -7.92 4.98
C ASP D 33 -0.21 -8.41 3.52
N GLU D 34 -1.36 -8.50 2.87
CA GLU D 34 -1.38 -8.96 1.48
C GLU D 34 -0.63 -8.01 0.58
N GLN D 35 -0.79 -6.71 0.81
CA GLN D 35 -0.10 -5.72 -0.01
C GLN D 35 1.42 -5.80 0.14
N ASN D 36 1.89 -6.10 1.35
CA ASN D 36 3.33 -6.24 1.53
C ASN D 36 3.82 -7.48 0.77
N GLU D 37 2.94 -8.48 0.62
CA GLU D 37 3.29 -9.68 -0.13
C GLU D 37 3.38 -9.29 -1.62
N ILE D 38 2.39 -8.53 -2.08
CA ILE D 38 2.34 -8.07 -3.46
C ILE D 38 3.58 -7.24 -3.81
N ILE D 39 3.97 -6.38 -2.88
CA ILE D 39 5.13 -5.52 -3.08
C ILE D 39 6.41 -6.34 -3.16
N ASP D 40 6.52 -7.36 -2.31
CA ASP D 40 7.71 -8.21 -2.32
C ASP D 40 7.74 -8.98 -3.63
N ASP D 41 6.58 -9.43 -4.08
CA ASP D 41 6.45 -10.16 -5.33
C ASP D 41 6.95 -9.26 -6.47
N LEU D 42 6.51 -8.00 -6.45
CA LEU D 42 6.90 -7.03 -7.46
C LEU D 42 8.41 -6.77 -7.47
N ALA D 43 9.01 -6.65 -6.30
CA ALA D 43 10.44 -6.41 -6.20
C ALA D 43 11.19 -7.53 -6.91
N ASN D 44 10.74 -8.75 -6.69
CA ASN D 44 11.36 -9.91 -7.31
C ASN D 44 11.19 -9.85 -8.84
N LEU D 45 9.99 -9.50 -9.30
CA LEU D 45 9.73 -9.41 -10.73
C LEU D 45 10.53 -8.29 -11.38
N VAL D 46 10.67 -7.17 -10.68
CA VAL D 46 11.46 -6.05 -11.19
C VAL D 46 12.89 -6.52 -11.37
N GLU D 47 13.45 -7.10 -10.30
CA GLU D 47 14.82 -7.62 -10.31
C GLU D 47 15.07 -8.54 -11.51
N ASN D 48 14.19 -9.51 -11.73
CA ASN D 48 14.34 -10.46 -12.84
C ASN D 48 14.18 -9.79 -14.21
N THR D 49 13.23 -8.87 -14.31
CA THR D 49 12.99 -8.19 -15.58
C THR D 49 14.18 -7.29 -15.87
N ASP D 50 14.71 -6.66 -14.82
CA ASP D 50 15.86 -5.77 -14.96
C ASP D 50 17.06 -6.58 -15.46
N GLU D 51 17.15 -7.85 -15.04
CA GLU D 51 18.25 -8.69 -15.48
C GLU D 51 18.06 -9.11 -16.92
N LYS D 52 16.83 -9.37 -17.34
CA LYS D 52 16.59 -9.73 -18.74
C LYS D 52 16.94 -8.52 -19.60
N LEU D 53 16.58 -7.34 -19.11
CA LEU D 53 16.86 -6.11 -19.83
C LEU D 53 18.36 -5.95 -20.05
N ARG D 54 19.13 -6.11 -18.97
CA ARG D 54 20.58 -5.99 -19.03
C ARG D 54 21.14 -6.94 -20.08
N THR D 55 20.66 -8.19 -20.03
CA THR D 55 21.09 -9.23 -20.95
C THR D 55 20.79 -8.90 -22.41
N GLU D 56 19.59 -8.41 -22.69
CA GLU D 56 19.24 -8.06 -24.06
C GLU D 56 20.02 -6.84 -24.55
N ALA D 57 20.18 -5.84 -23.68
CA ALA D 57 20.93 -4.64 -24.05
C ALA D 57 22.35 -5.04 -24.46
N ARG D 58 22.91 -6.01 -23.74
CA ARG D 58 24.25 -6.49 -24.04
C ARG D 58 24.27 -7.18 -25.39
N ARG D 59 23.30 -8.06 -25.63
CA ARG D 59 23.24 -8.77 -26.89
C ARG D 59 23.16 -7.76 -28.04
N VAL D 60 22.38 -6.70 -27.84
CA VAL D 60 22.24 -5.69 -28.87
C VAL D 60 23.60 -5.12 -29.24
N THR D 61 24.36 -4.68 -28.23
CA THR D 61 25.68 -4.11 -28.47
C THR D 61 26.65 -5.08 -29.17
N LEU D 62 26.47 -6.38 -28.94
CA LEU D 62 27.36 -7.37 -29.55
C LEU D 62 27.31 -7.37 -31.07
#